data_4A9Z
#
_entry.id   4A9Z
#
_cell.length_a   80.850
_cell.length_b   80.850
_cell.length_c   68.370
_cell.angle_alpha   90.00
_cell.angle_beta   90.00
_cell.angle_gamma   120.00
#
_symmetry.space_group_name_H-M   'P 31 2 1'
#
loop_
_entity.id
_entity.type
_entity.pdbx_description
1 polymer 'TUMOR PROTEIN 63'
2 non-polymer 2-{2-[2-(2-{2-[2-(2-ETHOXY-ETHOXY)-ETHOXY]-ETHOXY}-ETHOXY)-ETHOXY]-ETHOXY}-ETHANOL
3 water water
#
_entity_poly.entity_id   1
_entity_poly.type   'polypeptide(L)'
_entity_poly.pdbx_seq_one_letter_code
;GSDDELLYLPVRGRETYEMLLKIKESLELMQYLPQHTIETYRQQQQQQHQHLLQKQTSIQS
;
_entity_poly.pdbx_strand_id   A,B,C,D
#
loop_
_chem_comp.id
_chem_comp.type
_chem_comp.name
_chem_comp.formula
PE4 non-polymer 2-{2-[2-(2-{2-[2-(2-ETHOXY-ETHOXY)-ETHOXY]-ETHOXY}-ETHOXY)-ETHOXY]-ETHOXY}-ETHANOL 'C16 H34 O8'
#
# COMPACT_ATOMS: atom_id res chain seq x y z
N ASP A 3 13.89 -0.88 -17.04
CA ASP A 3 13.62 -1.83 -15.96
C ASP A 3 13.35 -1.13 -14.59
N ASP A 4 14.34 -0.36 -14.05
CA ASP A 4 14.27 0.35 -12.77
C ASP A 4 14.46 1.90 -12.94
N GLU A 5 13.80 2.45 -13.98
CA GLU A 5 13.73 3.85 -14.34
C GLU A 5 13.20 4.71 -13.16
N LEU A 6 13.88 5.83 -12.86
CA LEU A 6 13.47 6.73 -11.78
C LEU A 6 12.24 7.51 -12.23
N LEU A 7 11.13 7.31 -11.53
CA LEU A 7 9.86 7.97 -11.81
C LEU A 7 9.37 8.68 -10.56
N TYR A 8 8.67 9.78 -10.73
CA TYR A 8 8.13 10.49 -9.59
C TYR A 8 6.62 10.41 -9.62
N LEU A 9 6.07 9.92 -8.52
CA LEU A 9 4.65 9.83 -8.30
C LEU A 9 4.22 11.03 -7.44
N PRO A 10 3.45 11.99 -8.02
CA PRO A 10 2.94 13.11 -7.20
C PRO A 10 1.82 12.60 -6.29
N VAL A 11 1.84 12.98 -5.02
CA VAL A 11 0.87 12.52 -4.04
C VAL A 11 0.25 13.74 -3.36
N ARG A 12 -1.08 13.73 -3.21
CA ARG A 12 -1.82 14.78 -2.52
C ARG A 12 -2.26 14.23 -1.17
N GLY A 13 -1.70 14.82 -0.12
CA GLY A 13 -1.97 14.46 1.27
C GLY A 13 -0.84 13.70 1.90
N ARG A 14 -0.48 14.10 3.14
CA ARG A 14 0.59 13.55 3.96
C ARG A 14 0.32 12.08 4.33
N GLU A 15 -0.92 11.79 4.72
CA GLU A 15 -1.35 10.45 5.14
C GLU A 15 -1.20 9.43 4.00
N THR A 16 -1.66 9.77 2.78
CA THR A 16 -1.53 8.94 1.59
C THR A 16 -0.03 8.75 1.30
N TYR A 17 0.76 9.85 1.32
CA TYR A 17 2.19 9.84 1.06
C TYR A 17 2.93 8.86 1.99
N GLU A 18 2.72 8.96 3.31
CA GLU A 18 3.33 8.11 4.33
C GLU A 18 2.99 6.62 4.12
N MET A 19 1.73 6.35 3.77
CA MET A 19 1.27 5.00 3.48
C MET A 19 2.02 4.40 2.26
N LEU A 20 2.04 5.14 1.15
CA LEU A 20 2.70 4.76 -0.08
C LEU A 20 4.21 4.61 0.08
N LEU A 21 4.81 5.50 0.88
CA LEU A 21 6.23 5.47 1.19
C LEU A 21 6.60 4.14 1.88
N LYS A 22 5.80 3.72 2.90
CA LYS A 22 6.00 2.46 3.62
C LYS A 22 5.87 1.25 2.65
N ILE A 23 4.91 1.27 1.70
CA ILE A 23 4.71 0.20 0.72
C ILE A 23 5.87 0.18 -0.27
N LYS A 24 6.28 1.35 -0.75
CA LYS A 24 7.42 1.47 -1.67
C LYS A 24 8.69 0.86 -1.05
N GLU A 25 8.96 1.22 0.19
CA GLU A 25 10.11 0.73 0.94
CA GLU A 25 10.13 0.75 0.93
C GLU A 25 10.12 -0.80 1.04
N SER A 26 8.94 -1.40 1.39
CA SER A 26 8.82 -2.84 1.53
C SER A 26 9.04 -3.52 0.19
N LEU A 27 8.52 -2.94 -0.90
CA LEU A 27 8.71 -3.52 -2.24
C LEU A 27 10.18 -3.46 -2.67
N GLU A 28 10.85 -2.34 -2.41
CA GLU A 28 12.26 -2.14 -2.76
C GLU A 28 13.21 -3.01 -1.88
N LEU A 29 12.87 -3.21 -0.61
CA LEU A 29 13.68 -3.99 0.33
C LEU A 29 13.66 -5.48 0.04
N MET A 30 12.65 -5.94 -0.72
CA MET A 30 12.52 -7.34 -1.12
C MET A 30 13.73 -7.82 -1.94
N GLN A 31 14.41 -6.94 -2.68
CA GLN A 31 15.61 -7.31 -3.45
C GLN A 31 16.77 -7.70 -2.54
N TYR A 32 16.74 -7.23 -1.29
CA TYR A 32 17.79 -7.51 -0.31
C TYR A 32 17.55 -8.86 0.38
N LEU A 33 16.47 -9.54 -0.01
CA LEU A 33 16.15 -10.87 0.51
C LEU A 33 16.64 -11.96 -0.44
N PRO A 34 17.29 -13.03 0.06
CA PRO A 34 17.61 -14.17 -0.83
C PRO A 34 16.29 -14.83 -1.29
N GLN A 35 16.18 -15.23 -2.60
CA GLN A 35 14.91 -15.79 -3.14
C GLN A 35 14.51 -17.10 -2.43
N HIS A 36 15.47 -17.76 -1.74
CA HIS A 36 15.14 -18.95 -0.95
C HIS A 36 14.24 -18.58 0.24
N THR A 37 14.45 -17.37 0.82
CA THR A 37 13.66 -16.82 1.94
C THR A 37 12.22 -16.55 1.45
N ILE A 38 12.07 -15.98 0.24
CA ILE A 38 10.77 -15.66 -0.36
C ILE A 38 9.99 -16.98 -0.58
N GLU A 39 10.67 -18.05 -1.08
CA GLU A 39 10.03 -19.36 -1.29
C GLU A 39 9.66 -20.02 0.08
N THR A 40 10.59 -19.96 1.07
CA THR A 40 10.40 -20.51 2.42
C THR A 40 9.14 -19.87 3.06
N TYR A 41 9.01 -18.54 2.92
CA TYR A 41 7.88 -17.77 3.44
C TYR A 41 6.58 -18.20 2.72
N ARG A 42 6.57 -18.21 1.35
CA ARG A 42 5.41 -18.57 0.52
C ARG A 42 4.92 -19.99 0.80
N GLN A 43 5.84 -20.95 1.03
CA GLN A 43 5.51 -22.34 1.34
C GLN A 43 4.87 -22.42 2.72
N GLN A 44 5.39 -21.64 3.69
CA GLN A 44 4.90 -21.56 5.08
C GLN A 44 3.48 -20.93 5.10
N GLN A 45 3.19 -20.01 4.16
CA GLN A 45 1.89 -19.35 4.03
C GLN A 45 0.80 -20.33 3.54
N GLN A 46 1.15 -21.25 2.62
CA GLN A 46 0.20 -22.25 2.09
C GLN A 46 0.13 -23.49 3.00
N GLN A 47 0.88 -23.49 4.11
CA GLN A 47 0.85 -24.56 5.10
C GLN A 47 -0.23 -24.26 6.15
N GLN A 48 -0.45 -22.96 6.45
CA GLN A 48 -1.44 -22.49 7.41
C GLN A 48 -2.78 -22.16 6.69
N HIS A 49 -2.84 -22.37 5.36
CA HIS A 49 -4.04 -22.12 4.55
C HIS A 49 -4.96 -23.35 4.54
N ASP B 3 -2.70 16.53 4.12
CA ASP B 3 -4.13 16.74 3.83
C ASP B 3 -4.34 17.14 2.36
N ASP B 4 -3.68 18.25 1.93
CA ASP B 4 -3.68 18.79 0.57
C ASP B 4 -2.23 18.99 0.07
N GLU B 5 -1.24 18.69 0.94
CA GLU B 5 0.21 18.77 0.68
C GLU B 5 0.61 18.04 -0.60
N LEU B 6 1.30 18.72 -1.52
CA LEU B 6 1.80 18.06 -2.73
C LEU B 6 3.21 17.53 -2.43
N LEU B 7 3.36 16.20 -2.44
CA LEU B 7 4.62 15.51 -2.14
C LEU B 7 4.97 14.57 -3.27
N TYR B 8 6.27 14.35 -3.49
CA TYR B 8 6.69 13.47 -4.59
C TYR B 8 7.35 12.23 -4.06
N LEU B 9 6.87 11.11 -4.55
CA LEU B 9 7.40 9.81 -4.19
C LEU B 9 8.32 9.30 -5.32
N PRO B 10 9.64 9.16 -5.06
CA PRO B 10 10.53 8.57 -6.08
C PRO B 10 10.31 7.07 -6.17
N VAL B 11 10.11 6.54 -7.39
CA VAL B 11 9.79 5.13 -7.64
C VAL B 11 10.77 4.57 -8.66
N ARG B 12 11.19 3.33 -8.46
CA ARG B 12 12.13 2.63 -9.35
C ARG B 12 11.38 1.61 -10.17
N GLY B 13 11.11 1.89 -11.45
CA GLY B 13 10.38 0.97 -12.31
C GLY B 13 8.90 1.26 -12.49
N ARG B 14 8.44 1.00 -13.72
CA ARG B 14 7.06 1.18 -14.20
C ARG B 14 6.06 0.29 -13.44
N GLU B 15 6.42 -0.97 -13.17
CA GLU B 15 5.56 -1.94 -12.49
C GLU B 15 5.22 -1.49 -11.07
N THR B 16 6.25 -1.06 -10.29
CA THR B 16 6.05 -0.56 -8.93
C THR B 16 5.23 0.74 -9.00
N TYR B 17 5.55 1.64 -9.94
CA TYR B 17 4.86 2.91 -10.14
C TYR B 17 3.36 2.71 -10.37
N GLU B 18 2.97 1.80 -11.30
CA GLU B 18 1.58 1.48 -11.65
C GLU B 18 0.84 0.89 -10.43
N MET B 19 1.50 0.04 -9.64
CA MET B 19 0.93 -0.51 -8.41
C MET B 19 0.64 0.61 -7.36
N LEU B 20 1.63 1.49 -7.14
CA LEU B 20 1.48 2.59 -6.18
C LEU B 20 0.47 3.61 -6.65
N LEU B 21 0.36 3.81 -7.99
CA LEU B 21 -0.61 4.71 -8.62
C LEU B 21 -2.04 4.22 -8.35
N LYS B 22 -2.27 2.90 -8.47
CA LYS B 22 -3.60 2.31 -8.21
C LYS B 22 -3.97 2.50 -6.71
N ILE B 23 -3.03 2.32 -5.78
CA ILE B 23 -3.26 2.50 -4.34
C ILE B 23 -3.43 4.01 -4.04
N LYS B 24 -2.56 4.86 -4.60
CA LYS B 24 -2.64 6.32 -4.47
C LYS B 24 -4.05 6.83 -4.87
N GLU B 25 -4.54 6.40 -6.04
CA GLU B 25 -5.84 6.77 -6.59
C GLU B 25 -6.97 6.39 -5.67
N SER B 26 -7.00 5.13 -5.19
CA SER B 26 -8.06 4.66 -4.29
C SER B 26 -8.06 5.47 -2.99
N LEU B 27 -6.87 5.78 -2.42
CA LEU B 27 -6.78 6.54 -1.18
C LEU B 27 -7.22 8.01 -1.38
N GLU B 28 -6.81 8.63 -2.49
CA GLU B 28 -7.19 10.02 -2.81
C GLU B 28 -8.66 10.15 -3.20
N LEU B 29 -9.20 9.14 -3.90
CA LEU B 29 -10.60 9.15 -4.35
C LEU B 29 -11.57 9.03 -3.19
N MET B 30 -11.13 8.54 -2.03
CA MET B 30 -12.01 8.41 -0.87
C MET B 30 -12.65 9.75 -0.45
N GLN B 31 -11.93 10.86 -0.68
CA GLN B 31 -12.40 12.22 -0.37
CA GLN B 31 -12.42 12.21 -0.34
C GLN B 31 -13.60 12.62 -1.26
N TYR B 32 -13.79 11.93 -2.41
CA TYR B 32 -14.87 12.19 -3.37
C TYR B 32 -16.10 11.35 -3.06
N LEU B 33 -16.04 10.56 -1.98
CA LEU B 33 -17.16 9.75 -1.54
C LEU B 33 -17.96 10.44 -0.46
N PRO B 34 -19.32 10.38 -0.57
CA PRO B 34 -20.17 10.94 0.49
C PRO B 34 -20.02 10.13 1.77
N GLN B 35 -20.17 10.82 2.93
CA GLN B 35 -20.06 10.27 4.28
C GLN B 35 -21.13 9.19 4.52
N HIS B 36 -22.23 9.24 3.73
CA HIS B 36 -23.32 8.27 3.82
C HIS B 36 -22.93 6.95 3.14
N THR B 37 -22.16 7.01 2.02
CA THR B 37 -21.69 5.84 1.27
C THR B 37 -20.70 5.06 2.13
N ILE B 38 -19.76 5.81 2.79
CA ILE B 38 -18.71 5.33 3.67
C ILE B 38 -19.28 4.61 4.90
N GLU B 39 -20.53 4.92 5.27
CA GLU B 39 -21.25 4.32 6.39
C GLU B 39 -22.08 3.12 5.90
N THR B 40 -22.82 3.28 4.77
CA THR B 40 -23.63 2.24 4.08
C THR B 40 -22.78 0.99 3.84
N TYR B 41 -21.56 1.19 3.30
CA TYR B 41 -20.57 0.15 3.04
C TYR B 41 -20.12 -0.48 4.36
N ARG B 42 -19.85 0.35 5.41
CA ARG B 42 -19.37 -0.07 6.75
C ARG B 42 -20.43 -0.84 7.55
N GLN B 43 -21.73 -0.62 7.25
CA GLN B 43 -22.84 -1.33 7.89
C GLN B 43 -23.11 -2.63 7.10
N GLN B 44 -22.62 -2.68 5.85
CA GLN B 44 -22.67 -3.84 4.97
C GLN B 44 -21.50 -4.80 5.30
N GLN B 45 -20.37 -4.26 5.80
CA GLN B 45 -19.18 -5.02 6.18
C GLN B 45 -19.42 -5.89 7.42
N GLN B 46 -20.16 -5.37 8.42
CA GLN B 46 -20.48 -6.10 9.65
C GLN B 46 -21.75 -6.96 9.46
N GLN B 47 -22.34 -6.91 8.24
CA GLN B 47 -23.52 -7.67 7.84
C GLN B 47 -23.12 -8.98 7.16
N ASP C 3 1.06 -6.09 18.40
CA ASP C 3 1.49 -7.48 18.55
C ASP C 3 1.39 -8.23 17.21
N ASP C 4 2.32 -9.19 16.98
CA ASP C 4 2.38 -10.02 15.78
C ASP C 4 1.47 -11.27 15.94
N GLU C 5 0.16 -11.00 15.95
CA GLU C 5 -0.95 -11.93 16.12
C GLU C 5 -1.54 -12.30 14.76
N LEU C 6 -2.16 -13.51 14.64
CA LEU C 6 -2.77 -13.95 13.40
C LEU C 6 -4.21 -13.43 13.32
N LEU C 7 -4.48 -12.57 12.33
CA LEU C 7 -5.76 -11.93 12.10
C LEU C 7 -6.24 -12.22 10.69
N TYR C 8 -7.55 -12.27 10.49
CA TYR C 8 -8.11 -12.53 9.16
C TYR C 8 -8.83 -11.31 8.65
N LEU C 9 -8.41 -10.85 7.48
CA LEU C 9 -8.99 -9.70 6.81
C LEU C 9 -9.96 -10.18 5.73
N PRO C 10 -11.27 -9.94 5.90
CA PRO C 10 -12.23 -10.32 4.85
C PRO C 10 -12.11 -9.37 3.66
N VAL C 11 -12.02 -9.94 2.43
CA VAL C 11 -11.85 -9.16 1.22
C VAL C 11 -12.95 -9.51 0.23
N ARG C 12 -13.55 -8.49 -0.43
CA ARG C 12 -14.56 -8.70 -1.46
C ARG C 12 -13.94 -8.42 -2.82
N GLY C 13 -13.82 -9.47 -3.63
CA GLY C 13 -13.24 -9.39 -4.96
C GLY C 13 -11.83 -9.94 -5.03
N ARG C 14 -11.56 -10.74 -6.07
CA ARG C 14 -10.31 -11.40 -6.39
C ARG C 14 -9.20 -10.37 -6.67
N GLU C 15 -9.52 -9.30 -7.43
CA GLU C 15 -8.58 -8.26 -7.81
C GLU C 15 -8.04 -7.50 -6.60
N THR C 16 -8.94 -7.12 -5.65
CA THR C 16 -8.55 -6.46 -4.41
C THR C 16 -7.71 -7.44 -3.57
N TYR C 17 -8.14 -8.71 -3.45
CA TYR C 17 -7.45 -9.75 -2.72
C TYR C 17 -6.01 -9.94 -3.20
N GLU C 18 -5.80 -10.08 -4.53
CA GLU C 18 -4.49 -10.27 -5.16
C GLU C 18 -3.57 -9.05 -4.91
N MET C 19 -4.13 -7.85 -4.97
CA MET C 19 -3.40 -6.63 -4.72
C MET C 19 -2.95 -6.60 -3.22
N LEU C 20 -3.89 -6.94 -2.31
CA LEU C 20 -3.63 -6.98 -0.89
C LEU C 20 -2.65 -8.09 -0.55
N LEU C 21 -2.75 -9.23 -1.24
CA LEU C 21 -1.84 -10.36 -1.09
C LEU C 21 -0.39 -9.92 -1.34
N LYS C 22 -0.14 -9.20 -2.47
CA LYS C 22 1.19 -8.71 -2.85
C LYS C 22 1.73 -7.69 -1.81
N ILE C 23 0.86 -6.78 -1.29
CA ILE C 23 1.28 -5.77 -0.30
C ILE C 23 1.58 -6.45 1.03
N LYS C 24 0.73 -7.42 1.43
CA LYS C 24 0.93 -8.17 2.66
C LYS C 24 2.29 -8.90 2.62
N GLU C 25 2.59 -9.57 1.53
CA GLU C 25 3.84 -10.30 1.38
C GLU C 25 5.07 -9.41 1.51
N SER C 26 5.11 -8.27 0.82
CA SER C 26 6.26 -7.36 0.92
C SER C 26 6.35 -6.79 2.37
N LEU C 27 5.22 -6.44 3.00
CA LEU C 27 5.27 -5.93 4.39
C LEU C 27 5.73 -7.00 5.38
N GLU C 28 5.27 -8.25 5.21
CA GLU C 28 5.66 -9.37 6.09
C GLU C 28 7.07 -9.80 5.83
N LEU C 29 7.54 -9.77 4.57
CA LEU C 29 8.89 -10.17 4.20
C LEU C 29 9.98 -9.21 4.75
N MET C 30 9.59 -7.96 5.06
CA MET C 30 10.50 -6.99 5.66
C MET C 30 11.03 -7.46 7.02
N GLN C 31 10.23 -8.25 7.76
CA GLN C 31 10.56 -8.86 9.05
C GLN C 31 11.69 -9.90 8.91
N TYR C 32 11.98 -10.38 7.68
CA TYR C 32 13.03 -11.39 7.39
C TYR C 32 14.35 -10.68 7.07
N LEU C 33 14.33 -9.36 7.06
CA LEU C 33 15.51 -8.55 6.89
C LEU C 33 16.05 -8.07 8.23
N PRO C 34 17.37 -7.99 8.43
CA PRO C 34 17.87 -7.43 9.70
C PRO C 34 17.45 -5.96 9.81
N GLN C 35 17.09 -5.50 11.03
CA GLN C 35 16.66 -4.11 11.25
CA GLN C 35 16.69 -4.12 11.30
C GLN C 35 17.77 -3.15 10.81
N HIS C 36 19.04 -3.59 10.87
CA HIS C 36 20.17 -2.77 10.48
C HIS C 36 20.19 -2.51 8.95
N THR C 37 19.72 -3.49 8.14
CA THR C 37 19.61 -3.38 6.68
C THR C 37 18.52 -2.34 6.36
N ILE C 38 17.38 -2.41 7.05
CA ILE C 38 16.26 -1.49 6.85
C ILE C 38 16.70 -0.05 7.15
N GLU C 39 17.43 0.16 8.28
CA GLU C 39 17.92 1.48 8.70
C GLU C 39 18.91 2.04 7.73
N THR C 40 19.82 1.20 7.23
CA THR C 40 20.82 1.59 6.24
C THR C 40 20.15 1.98 4.90
N TYR C 41 19.21 1.15 4.42
CA TYR C 41 18.47 1.42 3.17
C TYR C 41 17.74 2.78 3.28
N ARG C 42 17.04 3.02 4.42
CA ARG C 42 16.31 4.26 4.71
C ARG C 42 17.22 5.48 4.71
N GLN C 43 18.47 5.35 5.24
CA GLN C 43 19.46 6.42 5.26
C GLN C 43 19.91 6.75 3.83
N GLN C 44 20.12 5.72 3.00
CA GLN C 44 20.53 5.86 1.61
C GLN C 44 19.40 6.54 0.78
N GLN C 45 18.12 6.29 1.14
CA GLN C 45 16.95 6.86 0.46
C GLN C 45 16.78 8.35 0.76
N GLN C 46 16.99 8.73 2.03
CA GLN C 46 16.97 10.10 2.58
C GLN C 46 17.89 11.04 1.80
N GLN C 47 19.12 10.56 1.49
CA GLN C 47 20.20 11.29 0.86
C GLN C 47 19.89 11.70 -0.58
N GLN C 48 19.46 10.73 -1.39
CA GLN C 48 19.21 10.85 -2.82
C GLN C 48 18.24 11.97 -3.18
N HIS C 49 18.21 12.36 -4.48
CA HIS C 49 17.28 13.34 -5.08
C HIS C 49 17.28 14.67 -4.34
N GLN C 50 18.48 15.23 -4.07
CA GLN C 50 18.70 16.50 -3.35
C GLN C 50 17.98 16.44 -1.96
N HIS C 51 18.13 15.30 -1.23
CA HIS C 51 17.55 15.00 0.09
C HIS C 51 16.00 15.19 0.13
N LEU C 52 15.31 14.83 -0.95
CA LEU C 52 13.87 14.94 -1.12
C LEU C 52 13.07 14.36 0.08
N LEU C 53 13.36 13.10 0.47
CA LEU C 53 12.65 12.37 1.53
C LEU C 53 12.87 12.97 2.89
N GLN C 54 14.02 13.63 3.07
CA GLN C 54 14.39 14.39 4.28
C GLN C 54 13.56 15.67 4.32
N LYS C 55 13.59 16.49 3.25
CA LYS C 55 12.81 17.73 3.15
C LYS C 55 11.30 17.45 3.34
N GLN C 56 10.78 16.36 2.72
CA GLN C 56 9.38 15.97 2.78
C GLN C 56 8.98 15.30 4.12
N THR C 57 9.94 15.02 5.04
CA THR C 57 9.65 14.47 6.39
C THR C 57 8.83 15.53 7.17
N SER C 58 7.67 15.14 7.67
CA SER C 58 6.77 16.07 8.39
C SER C 58 7.38 16.49 9.73
N ILE C 59 7.68 15.52 10.64
CA ILE C 59 8.25 15.85 11.97
C ILE C 59 9.74 16.20 11.78
N GLN C 60 10.02 17.51 11.55
CA GLN C 60 11.31 18.15 11.25
C GLN C 60 11.86 17.66 9.90
N ASP D 3 -18.42 -9.36 -10.56
CA ASP D 3 -17.96 -10.58 -9.89
C ASP D 3 -17.06 -10.21 -8.70
N ASP D 4 -17.61 -10.37 -7.47
CA ASP D 4 -16.93 -10.07 -6.21
C ASP D 4 -17.26 -11.10 -5.11
N GLU D 5 -16.37 -12.11 -4.94
CA GLU D 5 -16.50 -13.16 -3.92
C GLU D 5 -15.84 -12.71 -2.60
N LEU D 6 -16.19 -13.37 -1.47
CA LEU D 6 -15.66 -13.04 -0.15
C LEU D 6 -14.50 -13.98 0.19
N LEU D 7 -13.30 -13.38 0.38
CA LEU D 7 -12.07 -14.09 0.66
C LEU D 7 -11.44 -13.59 1.96
N TYR D 8 -10.74 -14.47 2.68
CA TYR D 8 -10.08 -14.08 3.92
C TYR D 8 -8.58 -14.14 3.77
N LEU D 9 -7.95 -13.01 4.06
CA LEU D 9 -6.52 -12.84 3.99
C LEU D 9 -5.93 -12.97 5.41
N PRO D 10 -5.15 -14.04 5.69
CA PRO D 10 -4.49 -14.12 7.01
C PRO D 10 -3.35 -13.11 7.10
N VAL D 11 -3.30 -12.35 8.20
CA VAL D 11 -2.29 -11.32 8.41
C VAL D 11 -1.60 -11.55 9.74
N ARG D 12 -0.26 -11.40 9.77
CA ARG D 12 0.53 -11.55 10.98
C ARG D 12 0.95 -10.17 11.45
N GLY D 13 0.39 -9.74 12.58
CA GLY D 13 0.67 -8.43 13.14
C GLY D 13 -0.46 -7.43 12.97
N ARG D 14 -0.75 -6.71 14.04
CA ARG D 14 -1.79 -5.71 14.18
C ARG D 14 -1.59 -4.55 13.24
N GLU D 15 -0.37 -4.05 13.20
CA GLU D 15 0.02 -2.89 12.42
C GLU D 15 -0.09 -3.15 10.92
N THR D 16 0.33 -4.32 10.44
CA THR D 16 0.21 -4.74 9.04
C THR D 16 -1.29 -4.86 8.72
N TYR D 17 -2.08 -5.47 9.62
CA TYR D 17 -3.52 -5.65 9.47
C TYR D 17 -4.21 -4.29 9.26
N GLU D 18 -3.83 -3.27 10.04
CA GLU D 18 -4.39 -1.91 9.99
C GLU D 18 -4.08 -1.23 8.66
N MET D 19 -2.84 -1.37 8.20
CA MET D 19 -2.41 -0.80 6.93
CA MET D 19 -2.43 -0.79 6.92
C MET D 19 -3.21 -1.47 5.80
N LEU D 20 -3.30 -2.80 5.84
CA LEU D 20 -4.04 -3.58 4.85
C LEU D 20 -5.54 -3.28 4.88
N LEU D 21 -6.11 -3.02 6.06
CA LEU D 21 -7.53 -2.67 6.24
C LEU D 21 -7.84 -1.34 5.57
N LYS D 22 -6.98 -0.33 5.79
CA LYS D 22 -7.15 1.00 5.20
C LYS D 22 -7.07 0.88 3.63
N ILE D 23 -6.16 0.06 3.10
CA ILE D 23 -5.98 -0.13 1.65
C ILE D 23 -7.17 -0.91 1.09
N LYS D 24 -7.60 -1.98 1.77
CA LYS D 24 -8.77 -2.77 1.38
C LYS D 24 -10.00 -1.88 1.23
N GLU D 25 -10.28 -1.05 2.24
CA GLU D 25 -11.45 -0.17 2.26
C GLU D 25 -11.44 0.80 1.11
N SER D 26 -10.29 1.48 0.87
CA SER D 26 -10.14 2.43 -0.22
C SER D 26 -10.30 1.74 -1.59
N LEU D 27 -9.79 0.50 -1.76
CA LEU D 27 -9.94 -0.23 -3.03
C LEU D 27 -11.38 -0.69 -3.25
N GLU D 28 -12.03 -1.20 -2.19
CA GLU D 28 -13.42 -1.67 -2.28
C GLU D 28 -14.38 -0.52 -2.48
N LEU D 29 -14.11 0.63 -1.83
CA LEU D 29 -14.98 1.81 -1.91
C LEU D 29 -14.97 2.46 -3.28
N MET D 30 -13.92 2.22 -4.07
CA MET D 30 -13.82 2.74 -5.44
C MET D 30 -14.96 2.26 -6.33
N GLN D 31 -15.48 1.03 -6.06
CA GLN D 31 -16.60 0.41 -6.75
C GLN D 31 -17.92 1.18 -6.51
N TYR D 32 -17.99 2.02 -5.45
CA TYR D 32 -19.16 2.82 -5.06
C TYR D 32 -19.08 4.21 -5.68
N LEU D 33 -18.03 4.44 -6.47
CA LEU D 33 -17.90 5.68 -7.20
C LEU D 33 -18.34 5.49 -8.64
N PRO D 34 -19.03 6.47 -9.25
CA PRO D 34 -19.33 6.34 -10.67
C PRO D 34 -18.01 6.34 -11.45
N GLN D 35 -17.89 5.52 -12.49
CA GLN D 35 -16.65 5.49 -13.26
C GLN D 35 -16.36 6.86 -13.87
N HIS D 36 -17.40 7.72 -14.08
CA HIS D 36 -17.21 9.06 -14.61
C HIS D 36 -16.41 9.94 -13.62
N THR D 37 -16.62 9.75 -12.29
CA THR D 37 -15.92 10.45 -11.22
C THR D 37 -14.42 10.02 -11.21
N ILE D 38 -14.15 8.72 -11.40
CA ILE D 38 -12.81 8.18 -11.45
C ILE D 38 -12.08 8.76 -12.68
N GLU D 39 -12.76 8.85 -13.86
CA GLU D 39 -12.16 9.44 -15.06
C GLU D 39 -11.93 10.94 -14.89
N THR D 40 -12.91 11.67 -14.28
CA THR D 40 -12.83 13.12 -14.00
C THR D 40 -11.59 13.39 -13.12
N TYR D 41 -11.36 12.56 -12.10
CA TYR D 41 -10.22 12.65 -11.20
C TYR D 41 -8.90 12.37 -11.96
N ARG D 42 -8.83 11.25 -12.72
CA ARG D 42 -7.66 10.83 -13.50
C ARG D 42 -7.25 11.88 -14.55
N GLN D 43 -8.25 12.53 -15.21
CA GLN D 43 -8.00 13.57 -16.20
C GLN D 43 -7.44 14.81 -15.52
N GLN D 44 -7.98 15.16 -14.33
CA GLN D 44 -7.56 16.30 -13.51
C GLN D 44 -6.11 16.09 -12.99
N GLN D 45 -5.71 14.83 -12.74
CA GLN D 45 -4.36 14.46 -12.30
C GLN D 45 -3.31 14.67 -13.41
N GLN D 46 -3.66 14.39 -14.68
CA GLN D 46 -2.74 14.56 -15.81
C GLN D 46 -2.77 16.00 -16.34
C1 PE4 E . 15.87 18.21 -9.21
C2 PE4 E . 15.53 17.87 -7.80
O2 PE4 E . 14.98 16.63 -7.57
C3 PE4 E . 13.83 16.50 -6.80
C4 PE4 E . 12.70 15.76 -7.41
O3 PE4 E . 11.47 16.33 -7.27
C5 PE4 E . 10.41 15.93 -8.06
C6 PE4 E . 9.73 16.96 -8.88
O4 PE4 E . 9.59 16.66 -10.22
C7 PE4 E . 8.91 17.50 -11.08
C8 PE4 E . 9.68 18.21 -12.14
O5 PE4 E . 10.83 18.87 -11.76
#